data_3CSB
#
_entry.id   3CSB
#
_cell.length_a   98.818
_cell.length_b   98.818
_cell.length_c   134.619
_cell.angle_alpha   90.00
_cell.angle_beta   90.00
_cell.angle_gamma   90.00
#
_symmetry.space_group_name_H-M   'P 41 21 2'
#
loop_
_entity.id
_entity.type
_entity.pdbx_description
1 polymer 'Maltose-binding protein Monobody YSX1 Fusion'
2 non-polymer 'MANGANESE (II) ION'
3 non-polymer 1,2-ETHANEDIOL
4 non-polymer 'TRIETHYLENE GLYCOL'
5 non-polymer 'TETRAETHYLENE GLYCOL'
6 non-polymer 'PENTAETHYLENE GLYCOL'
7 non-polymer DI(HYDROXYETHYL)ETHER
8 water water
#
_entity_poly.entity_id   1
_entity_poly.type   'polypeptide(L)'
_entity_poly.pdbx_seq_one_letter_code
;GTGKLVIWINGDKGYNGLAEVGKKFEKDTGIKVTVEHPDKLEEKFPQVAATGDGPDIIFWAHDRFGGYAQSGLLAEITPD
KAFQDKLYPFTWDAVRYNGKLIAYPIAVEALSLIYNKDLLPNPPKTWEEIPALDKELKAKGKSALMFNLQEPYFTWPLIA
ADGGYAFKYENGKYDIKDVGVDNAGAKAGLTFLVDLIKNKHMNADTDYSIAEAAFNKGETAMTINGPWAWSNIDTSKVNY
GVTVLPTFKGQPSKPFVGVLSAGINAASPNKELAKEFLENYLLTDEGLEAVNKDKPLGAVALKSYEEELAKDPRIAATME
NAQKGEIMPNIPQMSAFWYAVRTAVINAASGRQTVDEALKDAQTRITKGSSGSSVPTNLEVVAATPTSLLISWDAYSSSY
YVYYYRITYGETGGNSPVQEFTVPGSKSTATISGLKPGVDYTITVYAGHYLYGLLSSPISINYRT
;
_entity_poly.pdbx_strand_id   A
#
loop_
_chem_comp.id
_chem_comp.type
_chem_comp.name
_chem_comp.formula
1PE non-polymer 'PENTAETHYLENE GLYCOL' 'C10 H22 O6'
EDO non-polymer 1,2-ETHANEDIOL 'C2 H6 O2'
MN non-polymer 'MANGANESE (II) ION' 'Mn 2'
PEG non-polymer DI(HYDROXYETHYL)ETHER 'C4 H10 O3'
PG4 non-polymer 'TETRAETHYLENE GLYCOL' 'C8 H18 O5'
PGE non-polymer 'TRIETHYLENE GLYCOL' 'C6 H14 O4'
#
# COMPACT_ATOMS: atom_id res chain seq x y z
N THR A 2 -28.86 9.47 4.26
CA THR A 2 -28.43 10.87 3.95
C THR A 2 -28.53 11.81 5.16
N GLY A 3 -29.05 11.32 6.29
CA GLY A 3 -29.06 12.13 7.50
C GLY A 3 -27.80 12.06 8.34
N LYS A 4 -26.81 11.27 7.89
CA LYS A 4 -25.76 10.76 8.80
C LYS A 4 -24.43 10.38 8.14
N LEU A 5 -23.45 9.97 8.96
CA LEU A 5 -22.16 9.43 8.48
C LEU A 5 -21.85 8.10 9.14
N VAL A 6 -21.64 7.08 8.32
CA VAL A 6 -21.24 5.77 8.83
C VAL A 6 -19.73 5.65 8.50
N ILE A 7 -18.92 5.35 9.52
CA ILE A 7 -17.48 5.19 9.33
C ILE A 7 -17.06 3.74 9.61
N TRP A 8 -16.26 3.15 8.73
CA TRP A 8 -15.62 1.87 9.02
C TRP A 8 -14.13 2.06 9.33
N ILE A 9 -13.69 1.48 10.44
CA ILE A 9 -12.28 1.47 10.78
C ILE A 9 -11.93 0.12 11.46
N ASN A 10 -10.70 -0.35 11.32
CA ASN A 10 -10.30 -1.64 11.90
C ASN A 10 -10.40 -1.62 13.43
N GLY A 11 -10.71 -2.78 14.00
CA GLY A 11 -10.98 -2.93 15.44
C GLY A 11 -9.79 -2.82 16.36
N ASP A 12 -8.60 -2.76 15.78
CA ASP A 12 -7.39 -2.54 16.60
C ASP A 12 -7.01 -1.06 16.67
N LYS A 13 -7.78 -0.21 16.00
CA LYS A 13 -7.53 1.24 16.01
C LYS A 13 -8.34 1.97 17.07
N GLY A 14 -8.03 3.24 17.31
CA GLY A 14 -8.69 4.00 18.40
C GLY A 14 -10.09 4.43 18.00
N TYR A 15 -10.96 3.46 17.70
CA TYR A 15 -12.32 3.78 17.22
C TYR A 15 -13.20 4.48 18.26
N ASN A 16 -12.86 4.34 19.55
CA ASN A 16 -13.61 5.09 20.58
C ASN A 16 -13.16 6.55 20.62
N GLY A 17 -11.87 6.79 20.41
CA GLY A 17 -11.41 8.17 20.21
C GLY A 17 -12.08 8.78 18.99
N LEU A 18 -12.14 8.02 17.91
CA LEU A 18 -12.78 8.50 16.67
C LEU A 18 -14.30 8.79 16.88
N ALA A 19 -14.95 7.96 17.68
CA ALA A 19 -16.35 8.22 18.07
C ALA A 19 -16.55 9.52 18.83
N GLU A 20 -15.62 9.87 19.74
CA GLU A 20 -15.61 11.19 20.39
C GLU A 20 -15.56 12.38 19.40
N VAL A 21 -14.73 12.27 18.37
CA VAL A 21 -14.66 13.30 17.31
C VAL A 21 -16.00 13.38 16.60
N GLY A 22 -16.58 12.21 16.34
CA GLY A 22 -17.89 12.09 15.72
C GLY A 22 -18.99 12.76 16.56
N LYS A 23 -18.88 12.65 17.89
CA LYS A 23 -19.82 13.30 18.82
C LYS A 23 -19.68 14.82 18.81
N LYS A 24 -18.45 15.33 18.70
CA LYS A 24 -18.24 16.76 18.59
C LYS A 24 -18.79 17.32 17.25
N PHE A 25 -18.71 16.51 16.20
CA PHE A 25 -19.26 16.88 14.90
C PHE A 25 -20.79 16.92 14.95
N GLU A 26 -21.39 15.97 15.66
CA GLU A 26 -22.84 15.90 15.84
C GLU A 26 -23.32 17.12 16.64
N LYS A 27 -22.55 17.47 17.66
CA LYS A 27 -22.84 18.66 18.47
C LYS A 27 -22.80 19.97 17.67
N ASP A 28 -21.96 20.04 16.65
CA ASP A 28 -21.85 21.26 15.84
C ASP A 28 -22.76 21.31 14.61
N THR A 29 -23.35 20.18 14.24
CA THR A 29 -24.04 20.06 12.95
C THR A 29 -25.33 19.29 13.02
N GLY A 30 -25.54 18.57 14.11
CA GLY A 30 -26.67 17.67 14.24
C GLY A 30 -26.64 16.46 13.35
N ILE A 31 -25.52 16.20 12.68
CA ILE A 31 -25.36 14.99 11.88
C ILE A 31 -24.85 13.89 12.79
N LYS A 32 -25.50 12.73 12.80
CA LYS A 32 -25.07 11.62 13.64
C LYS A 32 -23.94 10.81 12.97
N VAL A 33 -22.86 10.60 13.71
CA VAL A 33 -21.69 9.89 13.19
C VAL A 33 -21.58 8.55 13.87
N THR A 34 -21.74 7.48 13.09
CA THR A 34 -21.65 6.13 13.65
C THR A 34 -20.34 5.46 13.25
N VAL A 35 -19.56 5.07 14.26
CA VAL A 35 -18.28 4.42 14.02
C VAL A 35 -18.38 2.90 14.17
N GLU A 36 -18.22 2.18 13.06
CA GLU A 36 -18.26 0.73 13.12
C GLU A 36 -16.89 0.13 12.82
N HIS A 37 -16.69 -1.11 13.25
CA HIS A 37 -15.38 -1.75 13.19
C HIS A 37 -15.54 -3.25 12.90
N PRO A 38 -16.23 -3.59 11.79
CA PRO A 38 -16.46 -4.98 11.46
C PRO A 38 -15.13 -5.71 11.23
N ASP A 39 -15.07 -7.01 11.52
CA ASP A 39 -13.93 -7.80 11.07
C ASP A 39 -13.99 -7.94 9.55
N LYS A 40 -12.84 -8.18 8.93
CA LYS A 40 -12.73 -8.35 7.47
C LYS A 40 -13.30 -7.18 6.72
N LEU A 41 -13.20 -5.99 7.30
CA LEU A 41 -13.87 -4.86 6.64
C LEU A 41 -13.31 -4.58 5.23
N GLU A 42 -12.04 -4.88 5.03
CA GLU A 42 -11.40 -4.57 3.75
C GLU A 42 -11.88 -5.51 2.64
N GLU A 43 -12.38 -6.70 3.02
CA GLU A 43 -13.03 -7.63 2.07
C GLU A 43 -14.51 -7.28 1.88
N LYS A 44 -15.15 -6.84 2.95
CA LYS A 44 -16.57 -6.47 2.90
C LYS A 44 -16.86 -5.22 2.08
N PHE A 45 -16.02 -4.20 2.22
CA PHE A 45 -16.26 -2.93 1.57
C PHE A 45 -16.65 -3.08 0.10
N PRO A 46 -15.80 -3.76 -0.71
CA PRO A 46 -16.16 -3.80 -2.11
C PRO A 46 -17.48 -4.51 -2.39
N GLN A 47 -17.90 -5.40 -1.48
CA GLN A 47 -19.18 -6.12 -1.64
C GLN A 47 -20.42 -5.29 -1.27
N VAL A 48 -20.27 -4.37 -0.31
CA VAL A 48 -21.43 -3.63 0.18
C VAL A 48 -21.44 -2.15 -0.23
N ALA A 49 -20.35 -1.65 -0.80
CA ALA A 49 -20.20 -0.20 -1.03
C ALA A 49 -21.47 0.49 -1.58
N ALA A 50 -21.87 0.09 -2.79
CA ALA A 50 -23.03 0.68 -3.49
C ALA A 50 -24.21 -0.31 -3.53
N THR A 51 -25.25 -0.02 -2.77
CA THR A 51 -25.29 1.07 -1.80
C THR A 51 -25.52 0.41 -0.44
N GLY A 52 -26.76 -0.03 -0.21
CA GLY A 52 -27.17 -0.63 1.07
C GLY A 52 -26.44 -0.05 2.26
N ASP A 53 -25.90 -0.93 3.11
CA ASP A 53 -25.13 -0.47 4.25
C ASP A 53 -23.61 -0.69 4.15
N GLY A 54 -23.04 0.00 3.17
CA GLY A 54 -21.62 0.31 3.09
C GLY A 54 -21.41 1.61 3.85
N PRO A 55 -20.15 1.93 4.22
CA PRO A 55 -19.90 3.14 4.98
C PRO A 55 -19.84 4.36 4.06
N ASP A 56 -19.98 5.55 4.61
CA ASP A 56 -19.62 6.76 3.90
C ASP A 56 -18.11 6.93 3.80
N ILE A 57 -17.40 6.56 4.88
CA ILE A 57 -15.94 6.76 5.00
C ILE A 57 -15.32 5.43 5.40
N ILE A 58 -14.18 5.10 4.79
CA ILE A 58 -13.49 3.84 5.15
C ILE A 58 -12.04 4.14 5.46
N PHE A 59 -11.53 3.61 6.58
CA PHE A 59 -10.14 3.81 6.99
C PHE A 59 -9.38 2.51 6.77
N TRP A 60 -8.31 2.55 5.99
CA TRP A 60 -7.48 1.35 5.82
C TRP A 60 -6.09 1.74 5.32
N ALA A 61 -5.12 0.84 5.43
CA ALA A 61 -3.82 1.05 4.74
C ALA A 61 -4.02 1.45 3.28
N HIS A 62 -3.26 2.44 2.81
CA HIS A 62 -3.45 2.96 1.46
C HIS A 62 -3.28 1.93 0.34
N ASP A 63 -2.56 0.85 0.62
CA ASP A 63 -2.25 -0.10 -0.45
C ASP A 63 -3.51 -0.83 -0.97
N ARG A 64 -4.57 -0.89 -0.19
CA ARG A 64 -5.84 -1.53 -0.67
C ARG A 64 -6.69 -0.57 -1.49
N PHE A 65 -6.44 0.72 -1.30
CA PHE A 65 -7.27 1.75 -1.97
C PHE A 65 -7.08 1.79 -3.48
N GLY A 66 -5.91 1.31 -3.94
CA GLY A 66 -5.67 1.17 -5.37
C GLY A 66 -6.73 0.29 -6.01
N GLY A 67 -6.89 -0.91 -5.48
CA GLY A 67 -7.96 -1.84 -5.95
C GLY A 67 -9.36 -1.23 -5.85
N TYR A 68 -9.67 -0.58 -4.73
CA TYR A 68 -10.97 0.10 -4.59
C TYR A 68 -11.17 1.14 -5.69
N ALA A 69 -10.14 1.95 -5.93
CA ALA A 69 -10.22 2.99 -6.97
C ALA A 69 -10.37 2.39 -8.38
N GLN A 70 -9.58 1.38 -8.71
CA GLN A 70 -9.71 0.67 -10.01
C GLN A 70 -11.17 0.21 -10.23
N SER A 71 -11.86 -0.14 -9.14
CA SER A 71 -13.24 -0.62 -9.16
C SER A 71 -14.29 0.50 -9.12
N GLY A 72 -13.84 1.75 -9.14
CA GLY A 72 -14.71 2.90 -9.04
C GLY A 72 -15.46 3.07 -7.73
N LEU A 73 -14.89 2.58 -6.62
CA LEU A 73 -15.57 2.61 -5.33
C LEU A 73 -15.26 3.85 -4.50
N LEU A 74 -14.23 4.60 -4.88
CA LEU A 74 -13.82 5.78 -4.13
C LEU A 74 -14.04 7.05 -4.89
N ALA A 75 -14.55 8.05 -4.18
CA ALA A 75 -14.72 9.38 -4.72
C ALA A 75 -13.35 10.05 -4.85
N GLU A 76 -13.20 10.88 -5.88
CA GLU A 76 -12.02 11.73 -6.00
C GLU A 76 -12.22 12.80 -4.94
N ILE A 77 -11.21 13.05 -4.12
CA ILE A 77 -11.37 14.06 -3.07
C ILE A 77 -10.88 15.40 -3.56
N THR A 78 -11.34 16.46 -2.93
CA THR A 78 -11.09 17.82 -3.39
C THR A 78 -10.55 18.77 -2.31
N PRO A 79 -9.44 18.41 -1.64
CA PRO A 79 -8.94 19.36 -0.67
C PRO A 79 -8.37 20.60 -1.34
N ASP A 80 -8.60 21.78 -0.77
CA ASP A 80 -8.03 23.01 -1.29
C ASP A 80 -6.58 23.11 -0.91
N LYS A 81 -5.89 24.12 -1.45
CA LYS A 81 -4.46 24.28 -1.29
C LYS A 81 -4.08 24.44 0.17
N ALA A 82 -4.87 25.19 0.93
CA ALA A 82 -4.56 25.43 2.32
C ALA A 82 -4.60 24.08 3.07
N PHE A 83 -5.64 23.27 2.84
CA PHE A 83 -5.65 21.94 3.43
C PHE A 83 -4.47 21.04 2.97
N GLN A 84 -4.21 20.98 1.67
CA GLN A 84 -3.08 20.15 1.17
C GLN A 84 -1.78 20.48 1.86
N ASP A 85 -1.53 21.77 2.13
CA ASP A 85 -0.33 22.22 2.81
CA ASP A 85 -0.30 22.18 2.82
C ASP A 85 -0.24 21.75 4.28
N LYS A 86 -1.34 21.29 4.85
CA LYS A 86 -1.33 20.85 6.25
C LYS A 86 -0.66 19.47 6.49
N LEU A 87 -0.56 18.67 5.42
CA LEU A 87 -0.03 17.31 5.50
C LEU A 87 1.31 17.27 4.78
N TYR A 88 2.21 16.41 5.26
CA TYR A 88 3.50 16.19 4.58
C TYR A 88 3.26 15.81 3.10
N PRO A 89 3.95 16.51 2.17
CA PRO A 89 3.74 16.28 0.73
C PRO A 89 3.86 14.81 0.34
N PHE A 90 4.84 14.09 0.87
CA PHE A 90 5.01 12.70 0.50
C PHE A 90 3.80 11.82 0.81
N THR A 91 3.00 12.18 1.82
CA THR A 91 1.89 11.32 2.21
C THR A 91 0.78 11.42 1.17
N TRP A 92 0.69 12.57 0.51
CA TRP A 92 -0.31 12.74 -0.57
C TRP A 92 0.01 11.80 -1.74
N ASP A 93 1.29 11.50 -1.96
CA ASP A 93 1.64 10.53 -3.03
C ASP A 93 1.22 9.09 -2.72
N ALA A 94 0.84 8.78 -1.50
CA ALA A 94 0.33 7.45 -1.17
C ALA A 94 -1.15 7.26 -1.53
N VAL A 95 -1.86 8.36 -1.77
CA VAL A 95 -3.30 8.29 -1.91
C VAL A 95 -3.76 8.79 -3.26
N ARG A 96 -2.86 8.73 -4.24
CA ARG A 96 -3.22 8.92 -5.65
C ARG A 96 -3.46 7.61 -6.38
N TYR A 97 -4.46 7.60 -7.25
CA TYR A 97 -4.62 6.50 -8.19
C TYR A 97 -4.88 7.06 -9.57
N ASN A 98 -3.99 6.75 -10.50
CA ASN A 98 -4.03 7.39 -11.81
C ASN A 98 -4.09 8.91 -11.78
N GLY A 99 -3.29 9.48 -10.88
CA GLY A 99 -3.09 10.93 -10.80
C GLY A 99 -4.15 11.64 -10.00
N LYS A 100 -5.22 10.94 -9.62
CA LYS A 100 -6.34 11.54 -8.86
C LYS A 100 -6.27 11.16 -7.37
N LEU A 101 -6.51 12.13 -6.50
CA LEU A 101 -6.50 11.93 -5.07
C LEU A 101 -7.74 11.16 -4.69
N ILE A 102 -7.58 10.05 -3.98
CA ILE A 102 -8.71 9.21 -3.60
C ILE A 102 -8.87 8.94 -2.08
N ALA A 103 -8.07 9.60 -1.27
CA ALA A 103 -8.17 9.44 0.16
C ALA A 103 -7.38 10.50 0.88
N TYR A 104 -7.66 10.66 2.18
CA TYR A 104 -6.88 11.53 3.05
C TYR A 104 -5.89 10.69 3.87
N PRO A 105 -4.60 11.03 3.81
CA PRO A 105 -3.56 10.44 4.67
C PRO A 105 -3.83 10.76 6.15
N ILE A 106 -3.74 9.74 7.00
CA ILE A 106 -3.97 9.92 8.45
C ILE A 106 -2.68 9.66 9.22
N ALA A 107 -2.09 8.46 9.06
CA ALA A 107 -0.91 8.07 9.87
C ALA A 107 0.08 7.34 8.98
N VAL A 108 1.34 7.30 9.41
CA VAL A 108 2.45 6.88 8.54
C VAL A 108 3.30 5.85 9.29
N GLU A 109 3.66 4.75 8.64
CA GLU A 109 4.50 3.74 9.29
CA GLU A 109 4.54 3.77 9.29
C GLU A 109 5.68 3.37 8.38
N ALA A 110 6.82 3.07 8.99
CA ALA A 110 8.00 2.63 8.27
C ALA A 110 8.89 1.93 9.29
N LEU A 111 9.73 1.01 8.82
CA LEU A 111 10.73 0.37 9.71
C LEU A 111 11.75 1.41 10.23
N SER A 112 12.33 1.16 11.41
CA SER A 112 13.45 1.95 11.92
C SER A 112 14.51 1.00 12.49
N LEU A 113 15.66 1.55 12.83
CA LEU A 113 16.71 0.81 13.46
C LEU A 113 16.45 0.86 14.98
N ILE A 114 16.36 -0.30 15.61
CA ILE A 114 16.13 -0.36 17.04
C ILE A 114 17.41 -0.87 17.71
N TYR A 115 17.89 -0.20 18.76
CA TYR A 115 19.20 -0.53 19.34
C TYR A 115 19.16 -0.63 20.87
N ASN A 116 19.99 -1.51 21.42
CA ASN A 116 20.09 -1.72 22.88
C ASN A 116 21.12 -0.70 23.37
N LYS A 117 20.66 0.31 24.12
CA LYS A 117 21.56 1.35 24.62
C LYS A 117 22.68 0.87 25.56
N ASP A 118 22.46 -0.25 26.23
CA ASP A 118 23.42 -0.76 27.20
C ASP A 118 24.53 -1.48 26.47
N LEU A 119 24.24 -1.98 25.26
CA LEU A 119 25.24 -2.63 24.42
C LEU A 119 25.89 -1.66 23.45
N LEU A 120 25.10 -0.67 23.04
CA LEU A 120 25.49 0.18 21.96
C LEU A 120 24.93 1.61 22.09
N PRO A 121 25.54 2.43 22.96
CA PRO A 121 25.04 3.79 23.20
C PRO A 121 25.08 4.70 21.97
N ASN A 122 25.98 4.36 21.04
CA ASN A 122 26.15 5.11 19.79
C ASN A 122 25.95 4.16 18.60
N PRO A 123 24.70 4.04 18.14
CA PRO A 123 24.48 3.08 17.04
C PRO A 123 25.11 3.56 15.70
N PRO A 124 25.41 2.62 14.79
CA PRO A 124 26.11 3.00 13.56
C PRO A 124 25.30 3.91 12.64
N LYS A 125 25.95 4.89 12.04
CA LYS A 125 25.31 5.73 11.03
C LYS A 125 25.27 5.08 9.63
N THR A 126 26.13 4.10 9.38
CA THR A 126 26.23 3.46 8.05
C THR A 126 26.19 1.95 8.18
N TRP A 127 25.65 1.26 7.16
CA TRP A 127 25.66 -0.18 7.08
C TRP A 127 27.09 -0.72 7.05
N GLU A 128 27.97 0.05 6.41
CA GLU A 128 29.36 -0.33 6.24
C GLU A 128 30.12 -0.57 7.54
N GLU A 129 29.73 0.10 8.63
CA GLU A 129 30.34 -0.07 9.96
C GLU A 129 29.93 -1.35 10.61
N ILE A 130 28.85 -1.97 10.12
CA ILE A 130 28.30 -3.13 10.84
C ILE A 130 29.24 -4.38 10.98
N PRO A 131 29.95 -4.78 9.91
CA PRO A 131 30.85 -5.95 10.11
C PRO A 131 31.86 -5.79 11.25
N ALA A 132 32.45 -4.61 11.37
CA ALA A 132 33.47 -4.33 12.40
C ALA A 132 32.86 -4.30 13.79
N LEU A 133 31.66 -3.71 13.90
CA LEU A 133 30.91 -3.76 15.14
C LEU A 133 30.53 -5.21 15.52
N ASP A 134 30.11 -6.02 14.55
CA ASP A 134 29.76 -7.41 14.86
C ASP A 134 30.99 -8.16 15.42
N LYS A 135 32.14 -7.97 14.80
CA LYS A 135 33.37 -8.61 15.30
C LYS A 135 33.63 -8.28 16.76
N GLU A 136 33.53 -6.99 17.12
CA GLU A 136 33.81 -6.56 18.50
C GLU A 136 32.78 -7.10 19.49
N LEU A 137 31.55 -7.29 19.03
CA LEU A 137 30.48 -7.84 19.87
C LEU A 137 30.54 -9.34 20.03
N LYS A 138 30.93 -10.07 18.98
CA LYS A 138 31.03 -11.53 19.05
C LYS A 138 32.06 -11.97 20.09
N ALA A 139 33.11 -11.16 20.24
CA ALA A 139 34.16 -11.43 21.24
C ALA A 139 33.62 -11.21 22.64
N LYS A 140 32.43 -10.65 22.73
CA LYS A 140 31.73 -10.51 24.00
C LYS A 140 30.47 -11.38 24.07
N GLY A 141 30.37 -12.36 23.18
CA GLY A 141 29.23 -13.25 23.14
C GLY A 141 27.90 -12.66 22.65
N LYS A 142 27.94 -11.48 22.02
CA LYS A 142 26.77 -10.80 21.42
C LYS A 142 26.90 -10.68 19.89
N SER A 143 25.81 -10.33 19.18
CA SER A 143 25.92 -9.97 17.76
C SER A 143 25.50 -8.51 17.58
N ALA A 144 25.94 -7.86 16.51
CA ALA A 144 25.55 -6.47 16.29
C ALA A 144 24.11 -6.35 15.87
N LEU A 145 23.66 -7.26 15.00
CA LEU A 145 22.38 -7.06 14.30
C LEU A 145 21.66 -8.32 13.98
N MET A 146 20.38 -8.40 14.36
CA MET A 146 19.51 -9.48 13.86
C MET A 146 18.15 -8.93 13.47
N PHE A 147 17.68 -9.29 12.28
CA PHE A 147 16.35 -8.87 11.82
C PHE A 147 15.81 -9.92 10.88
N ASN A 148 14.52 -9.85 10.59
CA ASN A 148 13.88 -10.83 9.78
C ASN A 148 14.46 -10.80 8.34
N LEU A 149 15.17 -11.84 7.93
CA LEU A 149 15.70 -11.85 6.56
C LEU A 149 14.81 -12.58 5.57
N GLN A 150 13.73 -13.18 6.03
CA GLN A 150 12.92 -14.02 5.15
C GLN A 150 12.01 -13.23 4.22
N GLU A 151 11.46 -12.12 4.73
CA GLU A 151 10.51 -11.27 4.03
C GLU A 151 11.19 -10.09 3.34
N PRO A 152 10.92 -9.89 2.05
CA PRO A 152 11.46 -8.75 1.32
C PRO A 152 11.08 -7.39 1.96
N TYR A 153 9.96 -7.33 2.68
CA TYR A 153 9.58 -6.06 3.35
C TYR A 153 10.76 -5.59 4.27
N PHE A 154 11.42 -6.55 4.93
CA PHE A 154 12.50 -6.25 5.88
C PHE A 154 13.88 -6.06 5.24
N THR A 155 14.13 -6.74 4.13
CA THR A 155 15.44 -6.66 3.45
C THR A 155 15.51 -5.49 2.41
N TRP A 156 14.34 -5.09 1.89
CA TRP A 156 14.26 -4.00 0.93
C TRP A 156 14.96 -2.69 1.31
N PRO A 157 14.86 -2.25 2.59
CA PRO A 157 15.47 -0.94 2.91
C PRO A 157 16.94 -0.84 2.49
N LEU A 158 17.70 -1.91 2.73
CA LEU A 158 19.12 -1.98 2.31
C LEU A 158 19.28 -2.25 0.80
N ILE A 159 18.54 -3.25 0.31
CA ILE A 159 18.64 -3.63 -1.11
C ILE A 159 18.44 -2.40 -1.97
N ALA A 160 17.41 -1.62 -1.66
CA ALA A 160 17.05 -0.47 -2.43
C ALA A 160 17.79 0.83 -2.13
N ALA A 161 18.53 0.93 -1.03
CA ALA A 161 19.16 2.20 -0.63
C ALA A 161 19.95 2.87 -1.75
N ASP A 162 20.79 2.12 -2.44
CA ASP A 162 21.66 2.75 -3.46
C ASP A 162 21.01 2.94 -4.84
N GLY A 163 19.67 3.04 -4.90
CA GLY A 163 18.98 3.39 -6.14
C GLY A 163 17.98 2.37 -6.66
N GLY A 164 17.68 1.35 -5.87
CA GLY A 164 16.66 0.36 -6.22
C GLY A 164 15.28 0.95 -6.03
N TYR A 165 14.27 0.36 -6.67
CA TYR A 165 12.88 0.76 -6.46
C TYR A 165 11.99 -0.35 -7.01
N ALA A 166 10.72 -0.37 -6.60
CA ALA A 166 9.82 -1.41 -7.04
C ALA A 166 9.27 -0.97 -8.41
N PHE A 167 8.42 0.07 -8.42
CA PHE A 167 7.89 0.68 -9.65
C PHE A 167 8.19 2.18 -9.64
N LYS A 168 8.57 2.72 -10.79
CA LYS A 168 8.87 4.16 -10.85
C LYS A 168 7.61 5.01 -10.66
N TYR A 169 7.70 6.02 -9.81
CA TYR A 169 6.56 6.88 -9.55
C TYR A 169 6.93 8.22 -10.11
N GLU A 170 6.13 8.75 -11.03
CA GLU A 170 6.46 10.03 -11.66
C GLU A 170 5.20 10.74 -12.10
N ASN A 171 5.25 12.08 -12.04
CA ASN A 171 4.13 12.92 -12.49
C ASN A 171 2.84 12.42 -11.84
N GLY A 172 2.93 12.05 -10.57
CA GLY A 172 1.78 11.53 -9.78
C GLY A 172 1.18 10.16 -10.13
N LYS A 173 1.90 9.33 -10.86
CA LYS A 173 1.42 8.01 -11.29
C LYS A 173 2.58 7.01 -11.30
N TYR A 174 2.25 5.73 -11.15
CA TYR A 174 3.22 4.67 -11.41
C TYR A 174 3.43 4.42 -12.92
N ASP A 175 4.70 4.36 -13.34
CA ASP A 175 5.05 3.86 -14.68
C ASP A 175 5.38 2.39 -14.53
N ILE A 176 4.37 1.56 -14.75
CA ILE A 176 4.45 0.15 -14.40
C ILE A 176 5.53 -0.62 -15.18
N LYS A 177 5.91 -0.11 -16.36
CA LYS A 177 6.96 -0.77 -17.15
C LYS A 177 8.38 -0.54 -16.58
N ASP A 178 8.51 0.43 -15.67
CA ASP A 178 9.80 0.84 -15.16
C ASP A 178 10.01 0.21 -13.79
N VAL A 179 10.71 -0.92 -13.74
CA VAL A 179 10.94 -1.55 -12.43
C VAL A 179 12.44 -1.55 -12.05
N GLY A 180 12.74 -1.25 -10.79
CA GLY A 180 14.13 -1.06 -10.37
C GLY A 180 14.71 -2.14 -9.47
N VAL A 181 14.37 -3.39 -9.76
CA VAL A 181 14.73 -4.52 -8.90
C VAL A 181 16.10 -5.06 -9.29
N ASP A 182 16.46 -4.93 -10.56
CA ASP A 182 17.78 -5.38 -10.96
C ASP A 182 18.78 -4.30 -11.38
N ASN A 183 18.59 -3.06 -10.97
CA ASN A 183 19.52 -2.07 -11.42
C ASN A 183 20.78 -2.18 -10.56
N ALA A 184 21.74 -1.31 -10.81
CA ALA A 184 23.02 -1.40 -10.15
C ALA A 184 22.92 -1.07 -8.64
N GLY A 185 21.99 -0.21 -8.27
CA GLY A 185 21.69 0.07 -6.85
C GLY A 185 21.18 -1.13 -6.05
N ALA A 186 20.18 -1.85 -6.59
CA ALA A 186 19.66 -3.07 -5.95
C ALA A 186 20.72 -4.14 -5.88
N LYS A 187 21.55 -4.22 -6.92
CA LYS A 187 22.65 -5.18 -6.90
C LYS A 187 23.69 -4.88 -5.80
N ALA A 188 24.11 -3.63 -5.64
CA ALA A 188 25.07 -3.27 -4.56
C ALA A 188 24.46 -3.62 -3.18
N GLY A 189 23.20 -3.25 -2.97
CA GLY A 189 22.48 -3.53 -1.70
C GLY A 189 22.38 -5.01 -1.36
N LEU A 190 21.86 -5.80 -2.30
CA LEU A 190 21.74 -7.20 -2.04
C LEU A 190 23.11 -7.86 -1.91
N THR A 191 24.12 -7.42 -2.65
CA THR A 191 25.50 -7.96 -2.49
C THR A 191 26.00 -7.71 -1.03
N PHE A 192 25.80 -6.50 -0.53
CA PHE A 192 26.17 -6.19 0.86
C PHE A 192 25.44 -7.08 1.84
N LEU A 193 24.16 -7.28 1.62
CA LEU A 193 23.38 -8.12 2.53
C LEU A 193 23.89 -9.54 2.54
N VAL A 194 24.14 -10.06 1.35
CA VAL A 194 24.54 -11.46 1.19
C VAL A 194 25.94 -11.63 1.80
N ASP A 195 26.76 -10.61 1.68
CA ASP A 195 28.10 -10.68 2.21
C ASP A 195 28.07 -10.75 3.76
N LEU A 196 27.18 -9.97 4.38
CA LEU A 196 26.96 -10.10 5.85
C LEU A 196 26.63 -11.50 6.24
N ILE A 197 25.76 -12.13 5.47
CA ILE A 197 25.33 -13.49 5.73
C ILE A 197 26.47 -14.50 5.48
N LYS A 198 27.16 -14.41 4.34
CA LYS A 198 28.23 -15.39 4.08
C LYS A 198 29.38 -15.23 5.06
N ASN A 199 29.65 -14.01 5.49
CA ASN A 199 30.71 -13.75 6.47
C ASN A 199 30.28 -14.06 7.93
N LYS A 200 29.09 -14.64 8.09
CA LYS A 200 28.53 -15.05 9.40
C LYS A 200 28.20 -13.91 10.35
N HIS A 201 28.00 -12.71 9.81
CA HIS A 201 27.59 -11.60 10.64
C HIS A 201 26.10 -11.72 10.90
N MET A 202 25.38 -12.37 9.98
CA MET A 202 23.98 -12.71 10.17
C MET A 202 23.79 -14.12 9.71
N ASN A 203 22.72 -14.75 10.18
CA ASN A 203 22.39 -16.10 9.76
C ASN A 203 21.24 -16.06 8.76
N ALA A 204 21.34 -16.86 7.70
CA ALA A 204 20.39 -16.82 6.59
C ALA A 204 19.01 -17.32 7.00
N ASP A 205 18.94 -18.08 8.10
CA ASP A 205 17.69 -18.59 8.65
C ASP A 205 16.95 -17.64 9.61
N THR A 206 17.52 -16.48 9.91
CA THR A 206 16.91 -15.60 10.93
C THR A 206 15.56 -15.08 10.41
N ASP A 207 14.53 -15.24 11.23
CA ASP A 207 13.18 -14.85 10.85
C ASP A 207 12.61 -13.86 11.87
N TYR A 208 11.36 -13.49 11.73
CA TYR A 208 10.76 -12.47 12.62
C TYR A 208 10.89 -12.83 14.09
N SER A 209 10.44 -14.05 14.45
CA SER A 209 10.48 -14.51 15.88
C SER A 209 11.85 -14.59 16.47
N ILE A 210 12.79 -15.18 15.74
CA ILE A 210 14.17 -15.32 16.26
C ILE A 210 14.82 -13.98 16.49
N ALA A 211 14.62 -13.04 15.55
CA ALA A 211 15.21 -11.72 15.71
C ALA A 211 14.62 -11.00 16.94
N GLU A 212 13.30 -11.05 17.05
CA GLU A 212 12.59 -10.38 18.15
C GLU A 212 13.01 -10.97 19.48
N ALA A 213 13.09 -12.30 19.56
CA ALA A 213 13.54 -12.96 20.80
C ALA A 213 14.94 -12.54 21.19
N ALA A 214 15.87 -12.59 20.22
CA ALA A 214 17.28 -12.25 20.46
C ALA A 214 17.42 -10.82 20.98
N PHE A 215 16.71 -9.89 20.35
CA PHE A 215 16.83 -8.51 20.78
C PHE A 215 16.26 -8.37 22.21
N ASN A 216 15.07 -8.93 22.43
CA ASN A 216 14.44 -8.74 23.74
C ASN A 216 15.17 -9.46 24.87
N LYS A 217 15.92 -10.51 24.53
CA LYS A 217 16.79 -11.25 25.47
C LYS A 217 18.15 -10.60 25.70
N GLY A 218 18.46 -9.50 24.98
CA GLY A 218 19.73 -8.80 25.14
C GLY A 218 20.93 -9.47 24.47
N GLU A 219 20.64 -10.34 23.51
CA GLU A 219 21.65 -11.10 22.76
C GLU A 219 22.26 -10.39 21.55
N THR A 220 21.49 -9.45 20.98
CA THR A 220 21.95 -8.68 19.82
C THR A 220 21.78 -7.20 20.10
N ALA A 221 22.70 -6.38 19.61
CA ALA A 221 22.71 -4.96 19.90
C ALA A 221 21.62 -4.20 19.14
N MET A 222 21.17 -4.76 18.01
CA MET A 222 20.30 -4.02 17.07
C MET A 222 19.31 -4.95 16.41
N THR A 223 18.13 -4.43 16.05
CA THR A 223 17.23 -5.12 15.18
C THR A 223 16.55 -4.07 14.28
N ILE A 224 15.77 -4.53 13.31
CA ILE A 224 15.03 -3.62 12.44
C ILE A 224 13.61 -4.03 12.57
N ASN A 225 12.74 -3.08 12.95
CA ASN A 225 11.34 -3.44 13.11
C ASN A 225 10.51 -2.15 13.14
N GLY A 226 9.19 -2.28 13.16
CA GLY A 226 8.31 -1.11 13.09
C GLY A 226 7.63 -0.81 14.41
N PRO A 227 6.81 0.25 14.45
CA PRO A 227 6.19 0.72 15.70
C PRO A 227 5.31 -0.30 16.41
N TRP A 228 4.75 -1.22 15.63
CA TRP A 228 3.95 -2.35 16.16
C TRP A 228 4.76 -3.25 17.11
N ALA A 229 6.09 -3.13 17.07
CA ALA A 229 6.89 -3.98 17.93
C ALA A 229 7.31 -3.32 19.23
N TRP A 230 7.10 -2.01 19.39
CA TRP A 230 7.66 -1.33 20.56
C TRP A 230 7.06 -1.82 21.90
N SER A 231 5.76 -2.07 21.96
CA SER A 231 5.16 -2.46 23.24
CA SER A 231 5.13 -2.47 23.24
C SER A 231 5.65 -3.84 23.67
N ASN A 232 5.95 -4.70 22.71
CA ASN A 232 6.60 -5.97 23.05
C ASN A 232 8.01 -5.81 23.66
N ILE A 233 8.83 -4.96 23.03
CA ILE A 233 10.14 -4.65 23.64
C ILE A 233 9.96 -4.05 25.06
N ASP A 234 8.94 -3.21 25.23
CA ASP A 234 8.66 -2.60 26.54
C ASP A 234 8.49 -3.69 27.59
N THR A 235 7.96 -4.85 27.21
CA THR A 235 7.74 -5.90 28.25
C THR A 235 9.03 -6.62 28.66
N SER A 236 10.12 -6.37 27.92
CA SER A 236 11.42 -7.00 28.15
C SER A 236 12.34 -6.21 29.06
N LYS A 237 12.05 -4.94 29.29
CA LYS A 237 13.01 -4.13 30.07
C LYS A 237 14.44 -3.93 29.44
N VAL A 238 14.64 -4.31 28.17
CA VAL A 238 15.80 -3.77 27.43
C VAL A 238 15.69 -2.25 27.41
N ASN A 239 16.81 -1.55 27.62
CA ASN A 239 16.85 -0.08 27.47
C ASN A 239 17.14 0.24 26.00
N TYR A 240 16.09 0.39 25.19
CA TYR A 240 16.22 0.50 23.73
C TYR A 240 16.00 1.91 23.24
N GLY A 241 16.57 2.20 22.07
CA GLY A 241 16.28 3.43 21.35
C GLY A 241 15.79 3.05 19.96
N VAL A 242 15.19 4.01 19.28
CA VAL A 242 14.77 3.85 17.89
C VAL A 242 15.34 5.02 17.08
N THR A 243 15.97 4.74 15.94
CA THR A 243 16.67 5.79 15.23
C THR A 243 16.63 5.60 13.70
N VAL A 244 17.20 6.54 12.97
CA VAL A 244 17.21 6.51 11.51
C VAL A 244 17.98 5.24 11.10
N LEU A 245 17.53 4.60 10.03
CA LEU A 245 18.23 3.43 9.50
C LEU A 245 19.60 3.89 9.03
N PRO A 246 20.59 2.99 9.04
CA PRO A 246 21.92 3.44 8.56
C PRO A 246 21.90 3.69 7.04
N THR A 247 22.84 4.52 6.56
CA THR A 247 22.96 4.77 5.16
C THR A 247 23.79 3.64 4.53
N PHE A 248 23.68 3.52 3.22
CA PHE A 248 24.49 2.58 2.48
C PHE A 248 25.07 3.33 1.27
N LYS A 249 26.39 3.33 1.12
CA LYS A 249 27.04 4.12 0.06
C LYS A 249 26.62 5.56 0.21
N GLY A 250 26.43 5.98 1.46
CA GLY A 250 26.07 7.35 1.75
C GLY A 250 24.64 7.70 1.48
N GLN A 251 23.83 6.73 1.03
CA GLN A 251 22.45 6.99 0.69
C GLN A 251 21.50 6.39 1.77
N PRO A 252 20.37 7.04 2.04
CA PRO A 252 19.43 6.52 3.06
C PRO A 252 18.89 5.13 2.69
N SER A 253 18.64 4.28 3.68
CA SER A 253 17.85 3.06 3.49
C SER A 253 16.47 3.46 3.05
N LYS A 254 15.77 2.58 2.33
CA LYS A 254 14.54 2.93 1.70
C LYS A 254 13.45 1.96 2.12
N PRO A 255 12.95 2.07 3.37
CA PRO A 255 11.89 1.19 3.80
C PRO A 255 10.61 1.52 3.08
N PHE A 256 9.74 0.53 2.91
CA PHE A 256 8.41 0.79 2.35
C PHE A 256 7.60 1.60 3.35
N VAL A 257 6.75 2.53 2.87
CA VAL A 257 5.98 3.39 3.76
C VAL A 257 4.49 3.02 3.60
N GLY A 258 3.83 2.73 4.73
CA GLY A 258 2.38 2.48 4.76
C GLY A 258 1.70 3.71 5.32
N VAL A 259 0.60 4.13 4.71
CA VAL A 259 -0.16 5.32 5.19
C VAL A 259 -1.61 4.88 5.47
N LEU A 260 -2.02 4.90 6.72
CA LEU A 260 -3.41 4.69 7.08
C LEU A 260 -4.15 5.87 6.49
N SER A 261 -5.21 5.60 5.74
CA SER A 261 -5.88 6.59 4.90
C SER A 261 -7.40 6.50 5.05
N ALA A 262 -8.09 7.62 4.77
CA ALA A 262 -9.53 7.66 4.88
C ALA A 262 -10.13 7.98 3.52
N GLY A 263 -10.91 7.05 2.99
CA GLY A 263 -11.51 7.20 1.66
C GLY A 263 -12.99 7.48 1.82
N ILE A 264 -13.57 8.20 0.86
CA ILE A 264 -15.02 8.49 0.84
C ILE A 264 -15.66 7.59 -0.26
N ASN A 265 -16.66 6.80 0.15
CA ASN A 265 -17.41 5.91 -0.72
C ASN A 265 -17.96 6.70 -1.93
N ALA A 266 -17.68 6.24 -3.14
CA ALA A 266 -18.19 6.92 -4.36
C ALA A 266 -19.71 6.93 -4.45
N ALA A 267 -20.36 6.00 -3.79
CA ALA A 267 -21.82 5.91 -3.82
C ALA A 267 -22.45 6.66 -2.64
N SER A 268 -21.64 7.30 -1.81
CA SER A 268 -22.20 8.02 -0.66
C SER A 268 -22.97 9.27 -1.10
N PRO A 269 -24.18 9.53 -0.52
CA PRO A 269 -24.88 10.77 -0.76
C PRO A 269 -24.42 11.88 0.17
N ASN A 270 -23.35 11.63 0.95
CA ASN A 270 -22.95 12.52 2.04
C ASN A 270 -21.54 13.04 1.87
N LYS A 271 -21.08 13.10 0.63
CA LYS A 271 -19.68 13.39 0.36
C LYS A 271 -19.19 14.70 0.92
N GLU A 272 -20.03 15.74 0.90
CA GLU A 272 -19.60 17.02 1.45
C GLU A 272 -19.47 16.99 2.97
N LEU A 273 -20.37 16.30 3.64
CA LEU A 273 -20.29 16.11 5.11
C LEU A 273 -19.08 15.24 5.52
N ALA A 274 -18.85 14.18 4.75
CA ALA A 274 -17.63 13.34 4.93
C ALA A 274 -16.38 14.21 4.80
N LYS A 275 -16.32 15.06 3.76
CA LYS A 275 -15.22 16.01 3.62
C LYS A 275 -15.04 16.96 4.79
N GLU A 276 -16.13 17.61 5.25
CA GLU A 276 -16.07 18.50 6.43
C GLU A 276 -15.56 17.78 7.67
N PHE A 277 -16.11 16.61 7.91
CA PHE A 277 -15.67 15.81 9.07
C PHE A 277 -14.16 15.51 9.04
N LEU A 278 -13.67 15.08 7.88
CA LEU A 278 -12.26 14.64 7.77
C LEU A 278 -11.31 15.81 7.86
N GLU A 279 -11.61 16.89 7.12
CA GLU A 279 -10.72 18.03 7.00
C GLU A 279 -10.82 18.93 8.22
N ASN A 280 -12.02 19.14 8.74
CA ASN A 280 -12.22 20.14 9.78
C ASN A 280 -12.36 19.65 11.22
N TYR A 281 -12.57 18.33 11.38
CA TYR A 281 -12.72 17.72 12.70
C TYR A 281 -11.60 16.69 12.97
N LEU A 282 -11.50 15.68 12.12
CA LEU A 282 -10.52 14.59 12.39
C LEU A 282 -9.12 15.09 12.15
N LEU A 283 -8.84 15.69 10.98
CA LEU A 283 -7.48 16.08 10.68
C LEU A 283 -7.12 17.44 11.30
N THR A 284 -7.21 17.46 12.64
CA THR A 284 -6.78 18.60 13.45
C THR A 284 -5.97 18.06 14.60
N ASP A 285 -5.16 18.90 15.26
CA ASP A 285 -4.46 18.42 16.45
C ASP A 285 -5.42 17.74 17.44
N GLU A 286 -6.56 18.40 17.64
N GLU A 286 -6.57 18.37 17.70
CA GLU A 286 -7.57 17.96 18.60
CA GLU A 286 -7.50 17.80 18.70
C GLU A 286 -8.20 16.62 18.23
C GLU A 286 -8.18 16.52 18.23
N GLY A 287 -8.53 16.44 16.95
CA GLY A 287 -9.16 15.19 16.47
C GLY A 287 -8.18 13.99 16.48
N LEU A 288 -6.96 14.22 16.01
CA LEU A 288 -5.97 13.12 16.00
C LEU A 288 -5.57 12.73 17.45
N GLU A 289 -5.53 13.72 18.34
CA GLU A 289 -5.22 13.45 19.75
C GLU A 289 -6.28 12.57 20.39
N ALA A 290 -7.53 12.82 20.07
CA ALA A 290 -8.63 12.00 20.57
C ALA A 290 -8.49 10.53 20.13
N VAL A 291 -8.10 10.30 18.88
CA VAL A 291 -7.86 8.91 18.38
C VAL A 291 -6.64 8.30 19.05
N ASN A 292 -5.56 9.07 19.08
CA ASN A 292 -4.27 8.67 19.61
C ASN A 292 -4.32 8.29 21.09
N LYS A 293 -5.13 9.00 21.85
CA LYS A 293 -5.33 8.70 23.29
C LYS A 293 -5.94 7.34 23.50
N ASP A 294 -6.71 6.89 22.49
CA ASP A 294 -7.42 5.64 22.57
C ASP A 294 -6.45 4.51 22.20
N LYS A 295 -5.97 4.53 20.94
CA LYS A 295 -4.83 3.69 20.53
C LYS A 295 -3.85 4.57 19.73
N PRO A 296 -2.57 4.58 20.11
CA PRO A 296 -1.59 5.46 19.46
C PRO A 296 -1.60 5.23 17.95
N LEU A 297 -1.52 6.32 17.19
CA LEU A 297 -1.41 6.20 15.72
C LEU A 297 -0.02 5.97 15.19
N GLY A 298 1.01 6.22 16.01
CA GLY A 298 2.41 6.25 15.55
C GLY A 298 2.65 7.64 14.97
N ALA A 299 3.38 7.76 13.87
CA ALA A 299 3.63 9.07 13.25
C ALA A 299 2.39 9.44 12.43
N VAL A 300 2.10 10.73 12.30
CA VAL A 300 0.87 11.14 11.60
C VAL A 300 1.21 12.04 10.42
N ALA A 301 0.28 12.14 9.47
CA ALA A 301 0.55 12.91 8.26
C ALA A 301 0.35 14.42 8.47
N LEU A 302 -0.43 14.76 9.48
CA LEU A 302 -0.68 16.19 9.83
C LEU A 302 0.50 16.83 10.50
N LYS A 303 1.05 17.84 9.85
CA LYS A 303 2.33 18.38 10.29
C LYS A 303 2.27 18.93 11.72
N SER A 304 1.24 19.71 12.04
CA SER A 304 1.18 20.34 13.39
C SER A 304 1.16 19.30 14.54
N TYR A 305 0.36 18.26 14.39
CA TYR A 305 0.27 17.24 15.41
C TYR A 305 1.52 16.35 15.40
N GLU A 306 2.07 16.07 14.22
CA GLU A 306 3.33 15.31 14.16
C GLU A 306 4.47 16.05 14.91
N GLU A 307 4.54 17.37 14.80
CA GLU A 307 5.54 18.14 15.54
C GLU A 307 5.45 17.92 17.08
N GLU A 308 4.23 17.73 17.58
CA GLU A 308 4.01 17.40 18.98
C GLU A 308 4.42 15.96 19.28
N LEU A 309 3.99 15.03 18.44
CA LEU A 309 4.28 13.60 18.65
C LEU A 309 5.77 13.30 18.57
N ALA A 310 6.48 14.02 17.73
CA ALA A 310 7.90 13.77 17.50
C ALA A 310 8.81 14.17 18.67
N LYS A 311 8.25 14.73 19.74
CA LYS A 311 9.01 14.82 21.01
C LYS A 311 9.39 13.42 21.52
N ASP A 312 8.64 12.40 21.10
CA ASP A 312 9.02 10.98 21.27
C ASP A 312 9.92 10.67 20.07
N PRO A 313 11.23 10.49 20.30
CA PRO A 313 12.20 10.32 19.24
C PRO A 313 11.96 9.02 18.44
N ARG A 314 11.27 8.05 19.02
CA ARG A 314 10.90 6.84 18.29
C ARG A 314 9.90 7.15 17.19
N ILE A 315 9.03 8.13 17.45
CA ILE A 315 8.10 8.65 16.42
C ILE A 315 8.84 9.55 15.42
N ALA A 316 9.71 10.43 15.91
CA ALA A 316 10.56 11.25 15.02
C ALA A 316 11.38 10.38 14.07
N ALA A 317 11.96 9.30 14.60
CA ALA A 317 12.71 8.35 13.77
C ALA A 317 11.79 7.71 12.73
N THR A 318 10.60 7.30 13.15
CA THR A 318 9.66 6.67 12.21
C THR A 318 9.40 7.59 11.02
N MET A 319 9.05 8.82 11.32
CA MET A 319 8.75 9.82 10.29
C MET A 319 9.95 10.07 9.38
N GLU A 320 11.15 10.18 9.95
CA GLU A 320 12.37 10.44 9.17
C GLU A 320 12.64 9.25 8.23
N ASN A 321 12.53 8.01 8.75
CA ASN A 321 12.67 6.81 7.86
C ASN A 321 11.59 6.79 6.77
N ALA A 322 10.39 7.22 7.14
CA ALA A 322 9.30 7.28 6.11
C ALA A 322 9.54 8.35 5.02
N GLN A 323 9.99 9.53 5.44
CA GLN A 323 10.29 10.61 4.46
C GLN A 323 11.39 10.18 3.49
N LYS A 324 12.34 9.39 3.95
CA LYS A 324 13.41 8.87 3.07
C LYS A 324 13.08 7.56 2.35
N GLY A 325 11.91 6.99 2.60
CA GLY A 325 11.61 5.63 2.16
C GLY A 325 10.85 5.62 0.84
N GLU A 326 10.28 4.47 0.51
CA GLU A 326 9.56 4.28 -0.74
C GLU A 326 8.12 3.99 -0.42
N ILE A 327 7.21 4.84 -0.91
CA ILE A 327 5.79 4.68 -0.63
C ILE A 327 5.48 3.31 -1.18
N MET A 328 4.71 2.50 -0.44
CA MET A 328 4.27 1.23 -0.95
C MET A 328 3.35 1.43 -2.16
N PRO A 329 3.71 0.87 -3.37
CA PRO A 329 2.87 1.03 -4.55
C PRO A 329 1.47 0.45 -4.33
N ASN A 330 0.45 1.13 -4.81
CA ASN A 330 -0.92 0.65 -4.60
C ASN A 330 -1.48 -0.02 -5.84
N ILE A 331 -0.62 -0.44 -6.75
CA ILE A 331 -1.07 -1.06 -8.01
C ILE A 331 -1.04 -2.60 -7.93
N PRO A 332 -1.91 -3.25 -8.74
CA PRO A 332 -2.06 -4.70 -8.63
C PRO A 332 -0.77 -5.46 -8.95
N GLN A 333 0.09 -4.88 -9.76
CA GLN A 333 1.34 -5.55 -10.22
C GLN A 333 2.34 -5.71 -9.06
N MET A 334 2.12 -4.96 -7.98
CA MET A 334 2.92 -5.13 -6.77
C MET A 334 2.75 -6.52 -6.17
N SER A 335 1.64 -7.18 -6.49
CA SER A 335 1.43 -8.53 -5.94
C SER A 335 2.58 -9.49 -6.27
N ALA A 336 3.13 -9.39 -7.48
CA ALA A 336 4.21 -10.25 -7.97
C ALA A 336 5.55 -9.95 -7.32
N PHE A 337 5.69 -8.74 -6.78
CA PHE A 337 6.94 -8.31 -6.13
C PHE A 337 7.38 -9.25 -5.01
N TRP A 338 6.45 -9.63 -4.11
CA TRP A 338 6.81 -10.24 -2.84
C TRP A 338 7.48 -11.61 -3.00
N TYR A 339 6.84 -12.50 -3.77
CA TYR A 339 7.39 -13.84 -3.98
C TYR A 339 8.62 -13.78 -4.87
N ALA A 340 8.67 -12.85 -5.83
CA ALA A 340 9.87 -12.71 -6.71
C ALA A 340 11.10 -12.32 -5.96
N VAL A 341 10.97 -11.30 -5.11
CA VAL A 341 12.13 -10.83 -4.32
C VAL A 341 12.47 -11.79 -3.18
N ARG A 342 11.48 -12.43 -2.59
CA ARG A 342 11.74 -13.49 -1.62
C ARG A 342 12.65 -14.54 -2.22
N THR A 343 12.32 -15.01 -3.42
CA THR A 343 13.13 -16.01 -4.12
C THR A 343 14.55 -15.52 -4.37
N ALA A 344 14.68 -14.30 -4.89
CA ALA A 344 16.00 -13.71 -5.18
C ALA A 344 16.88 -13.69 -3.95
N VAL A 345 16.32 -13.22 -2.82
CA VAL A 345 17.10 -13.08 -1.62
C VAL A 345 17.53 -14.44 -1.09
N ILE A 346 16.62 -15.40 -1.01
CA ILE A 346 16.97 -16.76 -0.56
C ILE A 346 18.04 -17.38 -1.45
N ASN A 347 17.86 -17.29 -2.76
CA ASN A 347 18.86 -17.88 -3.70
C ASN A 347 20.24 -17.22 -3.70
N ALA A 348 20.28 -15.88 -3.55
CA ALA A 348 21.56 -15.18 -3.42
C ALA A 348 22.21 -15.48 -2.06
N ALA A 349 21.40 -15.49 -1.00
CA ALA A 349 21.94 -15.67 0.37
C ALA A 349 22.49 -17.08 0.59
N SER A 350 21.89 -18.05 -0.07
CA SER A 350 22.29 -19.44 0.05
C SER A 350 23.46 -19.75 -0.89
N GLY A 351 23.73 -18.84 -1.83
CA GLY A 351 24.80 -19.04 -2.79
C GLY A 351 24.38 -19.90 -3.95
N ARG A 352 23.07 -20.14 -4.09
CA ARG A 352 22.52 -20.89 -5.21
C ARG A 352 22.66 -20.11 -6.55
N GLN A 353 22.55 -18.78 -6.48
CA GLN A 353 22.72 -17.92 -7.64
C GLN A 353 23.55 -16.72 -7.31
N THR A 354 24.06 -16.05 -8.34
CA THR A 354 24.77 -14.83 -8.11
C THR A 354 23.69 -13.81 -7.78
N VAL A 355 24.10 -12.70 -7.14
CA VAL A 355 23.18 -11.57 -6.91
C VAL A 355 22.60 -11.09 -8.24
N ASP A 356 23.47 -10.96 -9.24
CA ASP A 356 23.04 -10.50 -10.55
C ASP A 356 21.94 -11.35 -11.16
N GLU A 357 22.09 -12.69 -11.15
CA GLU A 357 21.10 -13.59 -11.78
C GLU A 357 19.85 -13.66 -10.91
N ALA A 358 20.04 -13.69 -9.61
CA ALA A 358 18.87 -13.69 -8.71
C ALA A 358 17.96 -12.46 -8.97
N LEU A 359 18.55 -11.26 -9.03
CA LEU A 359 17.72 -10.05 -9.23
C LEU A 359 17.20 -9.98 -10.66
N LYS A 360 17.99 -10.45 -11.62
CA LYS A 360 17.52 -10.47 -13.01
C LYS A 360 16.25 -11.34 -13.12
N ASP A 361 16.28 -12.55 -12.54
CA ASP A 361 15.05 -13.41 -12.49
C ASP A 361 13.87 -12.73 -11.81
N ALA A 362 14.12 -12.01 -10.71
CA ALA A 362 13.03 -11.30 -10.01
C ALA A 362 12.46 -10.18 -10.86
N GLN A 363 13.32 -9.38 -11.48
CA GLN A 363 12.92 -8.32 -12.39
C GLN A 363 12.06 -8.89 -13.54
N THR A 364 12.50 -10.00 -14.10
CA THR A 364 11.73 -10.67 -15.15
C THR A 364 10.33 -11.07 -14.69
N ARG A 365 10.25 -11.70 -13.53
CA ARG A 365 8.97 -12.19 -13.01
C ARG A 365 8.00 -11.05 -12.69
N ILE A 366 8.56 -9.90 -12.31
CA ILE A 366 7.75 -8.75 -11.97
C ILE A 366 7.28 -8.02 -13.24
N THR A 367 8.19 -7.72 -14.17
CA THR A 367 7.82 -7.05 -15.41
C THR A 367 6.89 -7.87 -16.32
N LYS A 368 6.90 -9.19 -16.19
CA LYS A 368 5.88 -10.05 -16.80
C LYS A 368 4.47 -9.42 -16.74
N GLY A 369 4.06 -8.81 -17.85
CA GLY A 369 2.85 -7.96 -17.92
C GLY A 369 2.91 -6.95 -19.07
N SER A 370 1.77 -6.74 -19.73
CA SER A 370 1.72 -6.07 -21.05
C SER A 370 2.18 -4.64 -21.07
N SER A 371 2.84 -4.29 -22.17
CA SER A 371 3.30 -2.92 -22.44
C SER A 371 2.27 -1.79 -22.15
N GLY A 372 1.02 -2.00 -22.55
CA GLY A 372 0.04 -0.93 -22.70
C GLY A 372 -1.21 -0.88 -21.82
N SER A 373 -1.84 0.29 -21.83
CA SER A 373 -3.05 0.55 -21.11
C SER A 373 -4.21 -0.13 -21.81
N SER A 374 -5.30 -0.30 -21.08
CA SER A 374 -6.50 -0.88 -21.61
C SER A 374 -7.73 -0.17 -21.04
N VAL A 375 -8.90 -0.71 -21.35
CA VAL A 375 -10.17 -0.18 -20.85
C VAL A 375 -10.35 -0.46 -19.34
N PRO A 376 -10.65 0.59 -18.52
CA PRO A 376 -11.23 0.48 -17.19
C PRO A 376 -12.76 0.66 -17.10
N THR A 377 -13.32 1.51 -17.96
CA THR A 377 -14.77 1.76 -18.14
C THR A 377 -15.63 2.09 -16.89
N ASN A 378 -16.76 2.76 -17.12
CA ASN A 378 -17.79 2.98 -16.10
C ASN A 378 -19.14 3.41 -16.69
N LEU A 379 -20.20 2.69 -16.29
CA LEU A 379 -21.53 2.80 -16.91
C LEU A 379 -21.49 2.45 -18.42
N GLU A 380 -21.47 1.14 -18.69
CA GLU A 380 -21.23 0.62 -20.05
C GLU A 380 -22.44 0.63 -20.97
N VAL A 381 -23.55 0.01 -20.56
CA VAL A 381 -24.75 -0.12 -21.42
C VAL A 381 -25.41 1.24 -21.73
N VAL A 382 -25.50 1.57 -23.01
CA VAL A 382 -25.85 2.91 -23.46
C VAL A 382 -27.28 2.99 -24.03
N ALA A 383 -27.78 1.88 -24.56
CA ALA A 383 -29.11 1.80 -25.17
C ALA A 383 -29.67 0.40 -25.00
N ALA A 384 -30.99 0.28 -25.06
CA ALA A 384 -31.66 -1.01 -24.90
C ALA A 384 -32.98 -1.12 -25.66
N THR A 385 -33.26 -2.32 -26.18
CA THR A 385 -34.60 -2.74 -26.58
C THR A 385 -34.95 -3.91 -25.65
N PRO A 386 -36.11 -4.59 -25.88
CA PRO A 386 -36.41 -5.76 -25.02
C PRO A 386 -35.44 -6.94 -25.20
N THR A 387 -34.95 -7.13 -26.42
CA THR A 387 -34.10 -8.27 -26.76
C THR A 387 -32.65 -7.88 -27.09
N SER A 388 -32.38 -6.58 -27.18
CA SER A 388 -31.07 -6.06 -27.64
C SER A 388 -30.54 -4.88 -26.81
N LEU A 389 -29.22 -4.87 -26.59
CA LEU A 389 -28.54 -3.75 -25.94
C LEU A 389 -27.25 -3.30 -26.64
N LEU A 390 -26.95 -2.01 -26.49
CA LEU A 390 -25.69 -1.43 -26.96
C LEU A 390 -24.81 -1.15 -25.77
N ILE A 391 -23.57 -1.64 -25.85
CA ILE A 391 -22.56 -1.39 -24.82
C ILE A 391 -21.54 -0.36 -25.31
N SER A 392 -20.81 0.24 -24.38
CA SER A 392 -19.77 1.20 -24.70
C SER A 392 -18.62 1.10 -23.71
N TRP A 393 -17.41 1.28 -24.23
CA TRP A 393 -16.22 1.21 -23.40
C TRP A 393 -15.22 2.30 -23.81
N ASP A 394 -14.32 2.67 -22.90
CA ASP A 394 -13.33 3.70 -23.20
C ASP A 394 -12.14 3.10 -23.97
N ALA A 395 -12.37 2.84 -25.25
CA ALA A 395 -11.33 2.36 -26.15
C ALA A 395 -10.18 3.37 -26.22
N TYR A 396 -10.51 4.66 -26.12
CA TYR A 396 -9.48 5.71 -26.07
C TYR A 396 -8.43 5.48 -24.99
N SER A 397 -8.80 4.77 -23.92
CA SER A 397 -7.83 4.46 -22.86
C SER A 397 -6.75 3.42 -23.28
N SER A 398 -7.05 2.61 -24.29
CA SER A 398 -6.11 1.59 -24.76
C SER A 398 -4.90 2.20 -25.47
N SER A 399 -3.76 1.50 -25.40
CA SER A 399 -2.59 1.90 -26.15
C SER A 399 -2.85 1.54 -27.61
N TYR A 400 -2.01 2.02 -28.52
CA TYR A 400 -2.18 1.70 -29.94
C TYR A 400 -1.92 0.23 -30.29
N TYR A 401 -1.39 -0.54 -29.35
CA TYR A 401 -1.12 -1.97 -29.55
C TYR A 401 -2.39 -2.82 -29.64
N VAL A 402 -3.50 -2.29 -29.13
CA VAL A 402 -4.72 -3.10 -29.09
C VAL A 402 -5.32 -3.11 -30.48
N TYR A 403 -5.53 -4.29 -31.06
CA TYR A 403 -6.08 -4.33 -32.43
C TYR A 403 -7.47 -4.91 -32.53
N TYR A 404 -7.99 -5.37 -31.41
CA TYR A 404 -9.34 -5.91 -31.38
C TYR A 404 -9.88 -5.98 -29.96
N TYR A 405 -11.21 -6.12 -29.85
CA TYR A 405 -11.87 -6.37 -28.58
C TYR A 405 -12.71 -7.64 -28.67
N ARG A 406 -12.58 -8.48 -27.63
CA ARG A 406 -13.40 -9.67 -27.52
C ARG A 406 -14.52 -9.43 -26.52
N ILE A 407 -15.76 -9.58 -27.00
CA ILE A 407 -16.96 -9.39 -26.20
C ILE A 407 -17.52 -10.75 -25.84
N THR A 408 -17.71 -10.97 -24.53
CA THR A 408 -18.33 -12.18 -24.02
C THR A 408 -19.60 -11.81 -23.27
N TYR A 409 -20.65 -12.61 -23.46
CA TYR A 409 -21.91 -12.43 -22.72
C TYR A 409 -22.59 -13.76 -22.44
N GLY A 410 -23.15 -13.87 -21.24
CA GLY A 410 -23.88 -15.07 -20.82
C GLY A 410 -24.83 -14.87 -19.66
N GLU A 411 -25.32 -15.98 -19.14
CA GLU A 411 -26.27 -16.02 -18.04
C GLU A 411 -25.59 -15.69 -16.70
N THR A 412 -26.08 -14.67 -16.00
CA THR A 412 -25.55 -14.32 -14.66
C THR A 412 -25.83 -15.44 -13.67
N GLY A 413 -24.76 -15.94 -13.03
CA GLY A 413 -24.86 -17.03 -12.07
C GLY A 413 -25.05 -18.37 -12.76
N GLY A 414 -26.20 -18.53 -13.42
CA GLY A 414 -26.56 -19.76 -14.14
C GLY A 414 -25.47 -20.21 -15.11
N ASN A 415 -24.77 -21.28 -14.73
CA ASN A 415 -23.62 -21.79 -15.49
C ASN A 415 -24.02 -22.31 -16.87
N SER A 416 -24.13 -21.37 -17.82
CA SER A 416 -24.61 -21.64 -19.18
C SER A 416 -23.53 -21.27 -20.22
N PRO A 417 -23.65 -21.81 -21.45
CA PRO A 417 -22.85 -21.35 -22.60
C PRO A 417 -22.70 -19.83 -22.70
N VAL A 418 -21.46 -19.35 -22.57
CA VAL A 418 -21.11 -17.96 -22.85
C VAL A 418 -20.92 -17.74 -24.34
N GLN A 419 -21.63 -16.75 -24.88
CA GLN A 419 -21.51 -16.37 -26.28
C GLN A 419 -20.35 -15.38 -26.43
N GLU A 420 -19.71 -15.38 -27.59
CA GLU A 420 -18.63 -14.42 -27.86
C GLU A 420 -18.50 -14.01 -29.33
N PHE A 421 -18.07 -12.76 -29.53
CA PHE A 421 -17.69 -12.24 -30.84
C PHE A 421 -16.56 -11.21 -30.68
N THR A 422 -15.93 -10.84 -31.80
CA THR A 422 -14.89 -9.83 -31.79
C THR A 422 -15.27 -8.62 -32.62
N VAL A 423 -14.68 -7.48 -32.27
CA VAL A 423 -14.81 -6.26 -33.04
C VAL A 423 -13.37 -5.71 -33.23
N PRO A 424 -13.12 -4.97 -34.33
CA PRO A 424 -11.83 -4.28 -34.51
C PRO A 424 -11.52 -3.29 -33.39
N GLY A 425 -10.23 -3.01 -33.19
CA GLY A 425 -9.76 -2.10 -32.15
C GLY A 425 -10.12 -0.64 -32.37
N SER A 426 -10.60 -0.31 -33.57
CA SER A 426 -11.13 1.02 -33.87
C SER A 426 -12.54 1.23 -33.29
N LYS A 427 -13.15 0.16 -32.79
CA LYS A 427 -14.53 0.21 -32.34
C LYS A 427 -14.61 0.37 -30.83
N SER A 428 -15.57 1.19 -30.40
CA SER A 428 -15.74 1.55 -29.01
C SER A 428 -17.11 1.10 -28.46
N THR A 429 -17.92 0.52 -29.34
CA THR A 429 -19.27 0.04 -29.01
C THR A 429 -19.60 -1.26 -29.73
N ALA A 430 -20.54 -2.00 -29.15
CA ALA A 430 -21.07 -3.23 -29.75
C ALA A 430 -22.55 -3.40 -29.41
N THR A 431 -23.36 -3.71 -30.41
CA THR A 431 -24.73 -4.15 -30.17
C THR A 431 -24.72 -5.65 -29.89
N ILE A 432 -25.31 -6.05 -28.76
CA ILE A 432 -25.56 -7.46 -28.47
C ILE A 432 -27.06 -7.70 -28.69
N SER A 433 -27.42 -8.80 -29.36
CA SER A 433 -28.83 -9.09 -29.62
C SER A 433 -29.22 -10.58 -29.52
N GLY A 434 -30.48 -10.88 -29.85
CA GLY A 434 -31.03 -12.24 -29.76
C GLY A 434 -31.07 -12.76 -28.33
N LEU A 435 -31.56 -11.92 -27.41
CA LEU A 435 -31.54 -12.21 -25.97
C LEU A 435 -32.94 -12.29 -25.36
N LYS A 436 -33.03 -12.98 -24.23
CA LYS A 436 -34.29 -13.12 -23.47
C LYS A 436 -34.62 -11.86 -22.67
N PRO A 437 -35.82 -11.27 -22.93
CA PRO A 437 -36.30 -10.13 -22.13
C PRO A 437 -36.75 -10.54 -20.72
N GLY A 438 -35.82 -10.54 -19.77
CA GLY A 438 -36.16 -10.87 -18.38
C GLY A 438 -35.02 -11.31 -17.47
N VAL A 439 -33.89 -11.68 -18.06
CA VAL A 439 -32.77 -12.28 -17.29
C VAL A 439 -31.59 -11.33 -17.06
N ASP A 440 -30.76 -11.67 -16.07
CA ASP A 440 -29.53 -10.94 -15.78
C ASP A 440 -28.41 -11.43 -16.70
N TYR A 441 -27.73 -10.48 -17.34
CA TYR A 441 -26.59 -10.79 -18.21
C TYR A 441 -25.29 -10.24 -17.65
N THR A 442 -24.22 -11.05 -17.73
CA THR A 442 -22.86 -10.60 -17.46
C THR A 442 -22.13 -10.34 -18.78
N ILE A 443 -21.95 -9.06 -19.10
CA ILE A 443 -21.22 -8.62 -20.27
C ILE A 443 -19.75 -8.40 -19.91
N THR A 444 -18.84 -9.06 -20.63
CA THR A 444 -17.40 -8.81 -20.45
C THR A 444 -16.61 -8.54 -21.76
N VAL A 445 -15.73 -7.54 -21.69
CA VAL A 445 -14.92 -7.10 -22.83
C VAL A 445 -13.43 -7.25 -22.51
N TYR A 446 -12.70 -7.87 -23.44
CA TYR A 446 -11.25 -8.02 -23.35
C TYR A 446 -10.58 -7.27 -24.50
N ALA A 447 -9.41 -6.70 -24.23
CA ALA A 447 -8.54 -6.05 -25.24
C ALA A 447 -7.57 -7.07 -25.79
N GLY A 448 -7.35 -7.01 -27.11
CA GLY A 448 -6.41 -7.90 -27.78
C GLY A 448 -5.21 -7.13 -28.32
N HIS A 449 -4.03 -7.53 -27.87
CA HIS A 449 -2.74 -6.88 -28.18
C HIS A 449 -2.19 -7.53 -29.46
N TYR A 450 -1.63 -6.74 -30.37
CA TYR A 450 -1.14 -7.25 -31.68
C TYR A 450 0.04 -8.20 -31.55
N LEU A 451 0.67 -8.23 -30.37
CA LEU A 451 1.68 -9.25 -30.07
C LEU A 451 1.16 -10.34 -29.14
N TYR A 452 0.69 -9.92 -27.96
CA TYR A 452 0.37 -10.89 -26.94
C TYR A 452 -1.01 -11.51 -27.07
N GLY A 453 -1.88 -10.88 -27.84
CA GLY A 453 -3.27 -11.37 -27.93
C GLY A 453 -4.10 -10.89 -26.73
N LEU A 454 -4.99 -11.74 -26.26
CA LEU A 454 -5.96 -11.34 -25.23
C LEU A 454 -5.25 -10.99 -23.93
N LEU A 455 -5.59 -9.82 -23.39
CA LEU A 455 -4.94 -9.24 -22.21
C LEU A 455 -5.72 -9.52 -20.93
N SER A 456 -5.02 -9.54 -19.80
CA SER A 456 -5.58 -9.92 -18.51
C SER A 456 -5.91 -8.75 -17.63
N SER A 457 -7.07 -8.17 -17.87
CA SER A 457 -7.75 -7.26 -16.92
C SER A 457 -9.00 -6.68 -17.57
N PRO A 458 -9.95 -7.57 -17.91
CA PRO A 458 -11.11 -7.15 -18.67
C PRO A 458 -12.09 -6.28 -17.85
N ILE A 459 -13.07 -5.73 -18.53
CA ILE A 459 -14.10 -4.94 -17.90
C ILE A 459 -15.38 -5.73 -17.98
N SER A 460 -16.08 -5.84 -16.85
CA SER A 460 -17.26 -6.71 -16.76
C SER A 460 -18.40 -6.04 -16.00
N ILE A 461 -19.60 -6.09 -16.57
CA ILE A 461 -20.78 -5.51 -15.92
C ILE A 461 -22.01 -6.43 -15.94
N ASN A 462 -22.94 -6.15 -15.03
CA ASN A 462 -24.23 -6.82 -14.98
C ASN A 462 -25.33 -5.94 -15.56
N TYR A 463 -26.14 -6.51 -16.44
CA TYR A 463 -27.33 -5.81 -16.95
C TYR A 463 -28.54 -6.74 -17.06
N ARG A 464 -29.72 -6.14 -17.26
CA ARG A 464 -31.01 -6.85 -17.17
C ARG A 464 -32.00 -6.32 -18.21
N THR A 465 -32.57 -7.23 -19.01
CA THR A 465 -33.61 -6.84 -19.98
C THR A 465 -34.97 -7.45 -19.64
MN MN B . 34.75 -8.28 1.58
MN MN C . -0.22 21.79 17.90
MN MN D . -9.37 -0.86 21.05
MN MN E . 8.21 -2.39 30.73
C1 EDO F . 3.98 23.83 6.47
O1 EDO F . 2.68 24.21 6.97
C2 EDO F . 5.00 23.97 7.57
O2 EDO F . 6.21 23.37 7.14
C1 EDO G . -19.21 0.56 29.98
O1 EDO G . -19.98 -0.42 29.27
C2 EDO G . -19.83 1.93 29.77
O2 EDO G . -18.77 2.89 29.70
C1 PGE H . 1.55 1.68 17.58
O1 PGE H . 1.04 1.36 16.28
C2 PGE H . 2.03 3.12 17.46
O2 PGE H . 3.18 3.41 18.24
C3 PGE H . 2.92 3.62 19.61
C4 PGE H . 3.72 4.80 20.08
O4 PGE H . 4.40 3.78 24.08
C6 PGE H . 4.18 4.02 22.90
C5 PGE H . 3.03 4.89 22.50
O3 PGE H . 3.33 5.54 21.27
O1 PG4 I . -14.97 5.65 29.84
C1 PG4 I . -14.53 4.39 30.38
C2 PG4 I . -14.80 3.32 29.36
O2 PG4 I . -14.00 3.32 28.14
C3 PG4 I . -13.79 2.11 27.41
C4 PG4 I . -12.96 2.44 26.19
O3 PG4 I . -11.98 3.51 26.29
C5 PG4 I . -10.72 3.43 25.64
C6 PG4 I . -9.72 4.31 26.32
O4 PG4 I . -8.48 3.70 26.73
C7 PG4 I . -7.20 4.33 26.55
C8 PG4 I . -7.19 5.62 27.33
O5 PG4 I . -7.36 5.56 28.78
OH2 1PE J . 1.29 -11.76 -2.80
C12 1PE J . 0.47 -10.62 -2.48
C22 1PE J . 0.45 -10.55 -0.98
OH3 1PE J . 0.68 -9.22 -0.59
C13 1PE J . 0.68 -7.73 1.38
C23 1PE J . 1.13 -9.01 0.76
OH4 1PE J . 0.93 -6.70 0.47
C14 1PE J . 1.16 -4.27 0.06
C24 1PE J . 0.64 -5.37 0.93
OH5 1PE J . 0.26 -4.14 -1.00
C15 1PE J . -0.24 -3.45 -3.34
C25 1PE J . 0.76 -3.62 -2.25
OH6 1PE J . -0.76 -4.73 -3.64
C16 1PE J . -2.54 -6.08 -4.89
C26 1PE J . -1.89 -4.76 -4.56
OH7 1PE J . -2.47 -6.98 -3.78
C1 PEG K . 17.05 9.37 17.17
O1 PEG K . 17.08 8.71 18.45
C2 PEG K . 15.79 10.19 17.06
O2 PEG K . 15.53 11.03 15.90
C3 PEG K . 15.18 12.42 16.04
C4 PEG K . 14.69 12.71 17.45
O4 PEG K . 14.14 14.03 17.54
C1 PEG L . -6.16 5.14 -28.61
O1 PEG L . -5.36 5.59 -29.71
C2 PEG L . -6.96 3.92 -29.01
O2 PEG L . -8.42 3.95 -28.97
C3 PEG L . -9.23 3.38 -30.00
C4 PEG L . -9.31 4.31 -31.21
O4 PEG L . -10.60 4.92 -31.27
C1 PEG M . 29.95 -1.10 0.71
O1 PEG M . 30.12 0.31 0.45
C2 PEG M . 30.33 -1.93 -0.49
O2 PEG M . 29.86 -3.32 -0.56
C3 PEG M . 29.69 -4.05 -1.78
C4 PEG M . 28.45 -3.58 -2.55
O4 PEG M . 28.84 -2.99 -3.81
C1 PEG N . 1.76 17.93 -2.37
O1 PEG N . 2.16 16.80 -3.16
C2 PEG N . 0.37 18.38 -2.81
O2 PEG N . -0.74 17.43 -2.82
C3 PEG N . -1.23 16.92 -4.05
C4 PEG N . -2.50 17.67 -4.45
O4 PEG N . -2.97 18.34 -3.27
C1 PEG O . -10.78 6.40 -9.60
O1 PEG O . -9.74 6.16 -10.56
C2 PEG O . -11.16 7.87 -9.61
O2 PEG O . -12.42 8.35 -9.06
C3 PEG O . -13.39 9.07 -9.83
C4 PEG O . -12.80 10.38 -10.33
O4 PEG O . -13.82 11.31 -10.70
C1 PEG P . -23.23 4.25 1.19
O1 PEG P . -24.29 4.40 0.25
C2 PEG P . -23.43 5.26 2.27
O2 PEG P . -24.24 4.88 3.42
C3 PEG P . -25.26 5.74 3.91
C4 PEG P . -25.07 5.92 5.41
O4 PEG P . -24.83 7.30 5.71
C1 PEG Q . -10.41 21.32 16.23
O1 PEG Q . -10.03 22.45 17.04
C2 PEG Q . -11.85 20.90 16.46
O2 PEG Q . -12.20 19.48 16.49
C3 PEG Q . -12.34 18.83 17.76
C4 PEG Q . -12.36 17.32 17.64
O4 PEG Q . -12.54 16.75 18.96
C1 PEG R . -17.32 -7.75 24.56
O1 PEG R . -17.60 -8.09 23.19
C2 PEG R . -17.77 -6.32 24.78
O2 PEG R . -17.77 -5.76 26.12
C3 PEG R . -18.40 -4.49 26.41
C4 PEG R . -17.59 -3.30 25.91
O4 PEG R . -18.29 -2.62 24.86
C1 PEG S . -2.02 0.58 8.09
O1 PEG S . -2.90 0.53 9.21
C2 PEG S . -1.13 1.80 8.08
O2 PEG S . -0.30 2.13 9.24
C3 PEG S . -0.09 3.47 9.65
C4 PEG S . -0.08 3.55 11.18
O4 PEG S . -1.38 3.22 11.72
#